data_3O7Q
#
_entry.id   3O7Q
#
_cell.length_a   119.46
_cell.length_b   119.46
_cell.length_c   98.36
_cell.angle_alpha   90.00
_cell.angle_beta   90.00
_cell.angle_gamma   120.00
#
_symmetry.space_group_name_H-M   'P 32 2 1'
#
loop_
_entity.id
_entity.type
_entity.pdbx_description
1 polymer 'L-fucose-proton symporter'
2 non-polymer 'nonyl beta-D-glucopyranoside'
#
_entity_poly.entity_id   1
_entity_poly.type   'polypeptide(L)'
_entity_poly.pdbx_seq_one_letter_code
;MGNTSIQTQSYRAVDKDAGQSRSYIIPFALLCSLFFLWAVANNLNDILLPQFQQAFTLTNFQAGLIQSAFYFGYFIIPIP
AGILMKKLSYKAGIITGLFLYALGAALFWPAAEIMNYTLFLVGLFIIAAGLGCLETAANPFVTVLGPESSGHFRLNLAQT
FNSFGAIIAVVFGQSLILSNVPHQSQDVLDKMSPEQLSAYKHSLVLSVQTPYMIIVAIVLLVALLIMLTKFPALQSDNHS
DAKQGSFSASLSRLARIRHWRWAVLAQFCYVGAQTACWSYLIRYAVEEIPGMTAGFAANYLTGTMVCFFIGRFTGTWLIS
RFAPHKVLAAYALIAMALCLISAFAGGHVGLIALTLCSAFMSIQYPTIFSLGIKNLGQDTKYGSSFIVMTIIGGGIVTPV
MGFVSDAAGNIPTAELIPALCFAVIFIFARFRSQTATN
;
_entity_poly.pdbx_strand_id   A
#
# COMPACT_ATOMS: atom_id res chain seq x y z
N ARG A 22 -15.10 22.31 -12.40
CA ARG A 22 -14.25 23.43 -12.00
C ARG A 22 -14.05 23.46 -10.48
N SER A 23 -15.14 23.38 -9.73
CA SER A 23 -15.05 23.33 -8.27
C SER A 23 -14.65 21.94 -7.81
N TYR A 24 -14.82 20.94 -8.68
CA TYR A 24 -14.39 19.58 -8.43
C TYR A 24 -12.92 19.40 -8.80
N ILE A 25 -12.43 20.30 -9.65
CA ILE A 25 -11.13 20.17 -10.28
C ILE A 25 -9.95 20.62 -9.41
N ILE A 26 -10.07 21.82 -8.82
CA ILE A 26 -8.98 22.36 -8.01
C ILE A 26 -8.70 21.53 -6.74
N PRO A 27 -9.77 21.15 -6.01
CA PRO A 27 -9.58 20.26 -4.86
C PRO A 27 -8.81 19.01 -5.27
N PHE A 28 -9.16 18.49 -6.45
CA PHE A 28 -8.52 17.30 -7.01
C PHE A 28 -7.03 17.48 -7.26
N ALA A 29 -6.66 18.53 -7.96
CA ALA A 29 -5.26 18.83 -8.24
C ALA A 29 -4.49 18.93 -6.92
N LEU A 30 -5.16 19.49 -5.93
CA LEU A 30 -4.60 19.63 -4.60
C LEU A 30 -4.40 18.26 -3.96
N LEU A 31 -5.41 17.42 -4.08
CA LEU A 31 -5.36 16.07 -3.54
C LEU A 31 -4.18 15.31 -4.15
N CYS A 32 -3.97 15.52 -5.45
CA CYS A 32 -2.89 14.86 -6.15
C CYS A 32 -1.55 15.29 -5.59
N SER A 33 -1.35 16.60 -5.51
CA SER A 33 -0.11 17.13 -4.96
C SER A 33 0.03 16.65 -3.51
N LEU A 34 -1.10 16.58 -2.82
CA LEU A 34 -1.12 16.13 -1.43
C LEU A 34 -0.92 14.62 -1.30
N PHE A 35 -1.38 13.88 -2.30
CA PHE A 35 -1.06 12.47 -2.45
C PHE A 35 0.44 12.30 -2.64
N PHE A 36 0.97 13.08 -3.57
CA PHE A 36 2.39 13.05 -3.84
C PHE A 36 3.16 13.32 -2.56
N LEU A 37 2.88 14.48 -1.95
CA LEU A 37 3.58 14.94 -0.77
C LEU A 37 3.60 13.89 0.34
N TRP A 38 2.41 13.49 0.78
CA TRP A 38 2.27 12.45 1.78
C TRP A 38 3.05 11.20 1.38
N ALA A 39 3.00 10.88 0.09
CA ALA A 39 3.63 9.68 -0.44
C ALA A 39 5.13 9.73 -0.16
N VAL A 40 5.65 10.95 -0.05
CA VAL A 40 7.06 11.17 0.26
C VAL A 40 7.31 10.98 1.76
N ALA A 41 6.52 11.69 2.55
CA ALA A 41 6.66 11.63 4.01
C ALA A 41 6.53 10.19 4.47
N ASN A 42 5.65 9.45 3.82
CA ASN A 42 5.38 8.07 4.21
C ASN A 42 6.49 7.07 3.85
N ASN A 43 6.87 7.00 2.59
CA ASN A 43 7.90 6.04 2.24
C ASN A 43 9.24 6.47 2.85
N LEU A 44 9.32 7.74 3.23
CA LEU A 44 10.43 8.24 4.05
C LEU A 44 10.44 7.56 5.42
N ASN A 45 9.25 7.43 6.00
CA ASN A 45 9.07 6.68 7.23
C ASN A 45 9.45 5.21 7.04
N ASP A 46 9.15 4.67 5.85
CA ASP A 46 9.46 3.29 5.50
C ASP A 46 10.95 2.98 5.42
N ILE A 47 11.73 3.93 4.93
CA ILE A 47 13.18 3.79 4.89
C ILE A 47 13.80 3.72 6.29
N LEU A 48 13.31 4.56 7.20
CA LEU A 48 13.93 4.75 8.52
C LEU A 48 13.53 3.71 9.57
N LEU A 49 12.29 3.24 9.50
CA LEU A 49 11.76 2.32 10.51
C LEU A 49 12.63 1.07 10.72
N PRO A 50 13.09 0.45 9.61
CA PRO A 50 13.98 -0.69 9.80
C PRO A 50 15.12 -0.35 10.77
N GLN A 51 15.71 0.83 10.62
CA GLN A 51 16.88 1.22 11.40
C GLN A 51 16.67 1.01 12.89
N PHE A 52 15.54 1.48 13.44
CA PHE A 52 15.16 1.15 14.81
C PHE A 52 15.39 -0.34 15.04
N GLN A 53 14.76 -1.15 14.20
CA GLN A 53 14.81 -2.60 14.31
C GLN A 53 16.19 -3.20 14.01
N GLN A 54 16.76 -2.85 12.85
CA GLN A 54 18.08 -3.38 12.46
C GLN A 54 19.16 -3.01 13.47
N ALA A 55 18.86 -2.07 14.37
CA ALA A 55 19.80 -1.65 15.41
C ALA A 55 19.60 -2.43 16.70
N PHE A 56 18.35 -2.59 17.10
CA PHE A 56 18.01 -3.26 18.35
C PHE A 56 17.77 -4.76 18.10
N THR A 57 18.43 -5.30 17.08
CA THR A 57 18.34 -6.70 16.71
C THR A 57 18.85 -7.63 17.82
N LEU A 58 18.19 -8.77 18.03
CA LEU A 58 16.96 -9.12 17.33
C LEU A 58 15.96 -9.63 18.39
N THR A 59 14.87 -10.25 17.94
CA THR A 59 13.89 -10.83 18.85
C THR A 59 12.88 -11.74 18.12
N ASN A 60 12.16 -12.58 18.87
CA ASN A 60 11.31 -13.61 18.29
C ASN A 60 9.81 -13.32 18.37
N PHE A 61 9.23 -13.50 19.56
CA PHE A 61 7.79 -13.32 19.76
C PHE A 61 7.31 -11.91 19.39
N GLN A 62 8.02 -10.91 19.89
CA GLN A 62 7.65 -9.52 19.68
C GLN A 62 7.59 -9.12 18.20
N ALA A 63 8.37 -9.82 17.36
CA ALA A 63 8.34 -9.57 15.93
C ALA A 63 6.95 -9.82 15.36
N GLY A 64 6.30 -10.89 15.83
CA GLY A 64 4.94 -11.18 15.44
C GLY A 64 4.01 -10.03 15.81
N LEU A 65 4.31 -9.39 16.95
CA LEU A 65 3.51 -8.28 17.44
C LEU A 65 3.53 -7.09 16.47
N ILE A 66 4.62 -6.94 15.74
CA ILE A 66 4.72 -5.90 14.71
C ILE A 66 3.80 -6.19 13.53
N GLN A 67 3.76 -7.47 13.13
CA GLN A 67 2.94 -7.91 12.00
C GLN A 67 1.45 -7.72 12.31
N SER A 68 1.14 -7.66 13.59
CA SER A 68 -0.23 -7.51 14.06
C SER A 68 -0.77 -6.10 13.84
N ALA A 69 0.12 -5.11 13.87
CA ALA A 69 -0.26 -3.77 13.51
C ALA A 69 -0.90 -3.80 12.12
N PHE A 70 -0.34 -4.64 11.25
CA PHE A 70 -0.79 -4.81 9.87
C PHE A 70 -2.25 -5.24 9.79
N TYR A 71 -2.58 -6.38 10.41
CA TYR A 71 -3.96 -6.86 10.43
C TYR A 71 -4.87 -5.87 11.16
N PHE A 72 -4.36 -5.31 12.26
CA PHE A 72 -5.06 -4.29 13.00
C PHE A 72 -5.50 -3.18 12.06
N GLY A 73 -4.52 -2.45 11.52
CA GLY A 73 -4.79 -1.35 10.61
C GLY A 73 -5.53 -1.70 9.32
N TYR A 74 -5.32 -2.91 8.81
CA TYR A 74 -5.88 -3.28 7.51
C TYR A 74 -6.98 -4.31 7.57
N PHE A 75 -7.59 -4.45 8.73
CA PHE A 75 -8.68 -5.40 8.86
C PHE A 75 -9.67 -4.88 9.90
N ILE A 76 -9.12 -4.40 11.01
CA ILE A 76 -9.96 -3.90 12.09
C ILE A 76 -10.42 -2.49 11.78
N ILE A 77 -9.47 -1.56 11.72
CA ILE A 77 -9.75 -0.15 11.47
C ILE A 77 -10.65 0.18 10.27
N PRO A 78 -10.60 -0.63 9.21
CA PRO A 78 -11.37 -0.21 8.05
C PRO A 78 -12.86 -0.05 8.33
N ILE A 79 -13.50 -1.07 8.89
CA ILE A 79 -14.94 -0.96 9.09
C ILE A 79 -15.35 0.17 10.05
N PRO A 80 -14.68 0.26 11.20
CA PRO A 80 -14.91 1.37 12.13
C PRO A 80 -14.65 2.69 11.42
N ALA A 81 -13.55 2.74 10.66
CA ALA A 81 -13.20 3.91 9.87
C ALA A 81 -14.39 4.30 9.00
N GLY A 82 -14.89 3.34 8.23
CA GLY A 82 -16.05 3.56 7.38
C GLY A 82 -17.25 4.05 8.16
N ILE A 83 -17.41 3.53 9.38
CA ILE A 83 -18.52 3.95 10.25
C ILE A 83 -18.35 5.42 10.60
N LEU A 84 -17.13 5.78 10.98
CA LEU A 84 -16.78 7.16 11.24
C LEU A 84 -17.20 8.00 10.02
N MET A 85 -16.94 7.46 8.84
CA MET A 85 -17.21 8.18 7.61
C MET A 85 -18.69 8.28 7.32
N LYS A 86 -19.40 7.16 7.44
CA LYS A 86 -20.84 7.13 7.21
C LYS A 86 -21.57 8.17 8.07
N LYS A 87 -21.13 8.29 9.33
CA LYS A 87 -21.75 9.16 10.31
C LYS A 87 -21.27 10.61 10.19
N LEU A 88 -19.99 10.78 9.88
CA LEU A 88 -19.44 12.11 9.60
C LEU A 88 -19.32 12.29 8.09
N SER A 89 -18.11 12.09 7.56
CA SER A 89 -17.88 12.20 6.13
C SER A 89 -16.51 11.64 5.71
N TYR A 90 -16.17 11.80 4.43
CA TYR A 90 -14.86 11.40 3.94
C TYR A 90 -13.75 12.28 4.52
N LYS A 91 -13.96 13.60 4.53
CA LYS A 91 -12.98 14.54 5.05
C LYS A 91 -12.70 14.25 6.50
N ALA A 92 -13.75 13.88 7.24
CA ALA A 92 -13.59 13.47 8.63
C ALA A 92 -12.62 12.30 8.74
N GLY A 93 -12.90 11.24 7.99
CA GLY A 93 -12.06 10.04 7.94
C GLY A 93 -10.63 10.33 7.50
N ILE A 94 -10.49 11.13 6.46
CA ILE A 94 -9.17 11.53 5.98
C ILE A 94 -8.40 12.28 7.06
N ILE A 95 -9.08 13.24 7.66
CA ILE A 95 -8.53 14.01 8.77
C ILE A 95 -8.08 13.11 9.91
N THR A 96 -8.99 12.29 10.42
CA THR A 96 -8.59 11.45 11.54
C THR A 96 -7.47 10.50 11.13
N GLY A 97 -7.55 9.96 9.90
CA GLY A 97 -6.55 9.04 9.40
C GLY A 97 -5.19 9.71 9.38
N LEU A 98 -5.16 10.93 8.85
CA LEU A 98 -3.97 11.78 8.85
C LEU A 98 -3.56 12.13 10.28
N PHE A 99 -4.54 12.23 11.15
CA PHE A 99 -4.30 12.50 12.56
C PHE A 99 -3.66 11.30 13.24
N LEU A 100 -4.24 10.13 13.00
CA LEU A 100 -3.75 8.89 13.59
C LEU A 100 -2.30 8.65 13.23
N TYR A 101 -2.01 8.83 11.95
CA TYR A 101 -0.68 8.57 11.40
C TYR A 101 0.41 9.36 12.10
N ALA A 102 0.23 10.69 12.15
CA ALA A 102 1.21 11.60 12.75
C ALA A 102 1.40 11.33 14.25
N LEU A 103 0.30 11.04 14.95
CA LEU A 103 0.39 10.65 16.35
C LEU A 103 1.27 9.41 16.51
N GLY A 104 0.96 8.38 15.72
CA GLY A 104 1.70 7.14 15.76
C GLY A 104 3.15 7.33 15.35
N ALA A 105 3.36 8.17 14.34
CA ALA A 105 4.73 8.44 13.89
C ALA A 105 5.49 9.22 14.95
N ALA A 106 4.79 10.11 15.65
CA ALA A 106 5.38 10.93 16.72
C ALA A 106 5.84 10.10 17.93
N LEU A 107 5.15 9.00 18.20
CA LEU A 107 5.53 8.10 19.30
C LEU A 107 6.90 7.45 19.15
N PHE A 108 7.37 7.30 17.91
CA PHE A 108 8.61 6.56 17.68
C PHE A 108 9.82 7.21 18.36
N TRP A 109 10.22 8.37 17.87
CA TRP A 109 11.34 9.13 18.46
C TRP A 109 11.47 8.91 19.98
N PRO A 110 10.42 9.24 20.77
CA PRO A 110 10.49 9.11 22.23
C PRO A 110 10.70 7.66 22.68
N ALA A 111 9.99 6.72 22.08
CA ALA A 111 10.15 5.29 22.40
C ALA A 111 11.61 4.88 22.18
N ALA A 112 12.17 5.33 21.07
CA ALA A 112 13.59 5.12 20.81
C ALA A 112 14.45 5.81 21.86
N GLU A 113 14.25 7.11 22.06
CA GLU A 113 15.15 7.90 22.91
C GLU A 113 15.19 7.41 24.34
N ILE A 114 14.26 6.54 24.71
CA ILE A 114 14.20 5.98 26.06
C ILE A 114 14.20 4.45 26.00
N MET A 115 14.28 3.91 24.80
CA MET A 115 14.39 2.47 24.62
C MET A 115 13.18 1.73 25.18
N ASN A 116 12.02 2.38 25.11
CA ASN A 116 10.77 1.72 25.48
C ASN A 116 10.10 1.13 24.26
N TYR A 117 10.21 -0.19 24.14
CA TYR A 117 9.64 -0.92 23.00
C TYR A 117 8.12 -0.81 22.96
N THR A 118 7.50 -1.15 24.08
CA THR A 118 6.05 -1.16 24.23
C THR A 118 5.47 0.16 23.72
N LEU A 119 6.14 1.27 24.00
CA LEU A 119 5.69 2.57 23.52
C LEU A 119 5.78 2.63 22.01
N PHE A 120 6.93 2.20 21.48
CA PHE A 120 7.13 2.06 20.03
C PHE A 120 6.03 1.22 19.39
N LEU A 121 5.79 0.04 19.96
CA LEU A 121 4.75 -0.88 19.50
C LEU A 121 3.38 -0.20 19.46
N VAL A 122 3.11 0.59 20.49
CA VAL A 122 1.87 1.34 20.57
C VAL A 122 1.74 2.31 19.39
N GLY A 123 2.78 3.11 19.17
CA GLY A 123 2.74 4.11 18.12
C GLY A 123 2.58 3.44 16.78
N LEU A 124 3.12 2.22 16.70
CA LEU A 124 3.07 1.41 15.50
C LEU A 124 1.63 1.02 15.15
N PHE A 125 0.90 0.51 16.13
CA PHE A 125 -0.54 0.25 15.96
C PHE A 125 -1.30 1.51 15.57
N ILE A 126 -0.93 2.63 16.19
CA ILE A 126 -1.60 3.91 15.93
C ILE A 126 -1.36 4.38 14.50
N ILE A 127 -0.09 4.45 14.11
CA ILE A 127 0.25 4.76 12.74
C ILE A 127 -0.38 3.75 11.77
N ALA A 128 -0.41 2.48 12.19
CA ALA A 128 -1.05 1.40 11.42
C ALA A 128 -2.53 1.69 11.14
N ALA A 129 -3.22 2.23 12.14
CA ALA A 129 -4.61 2.60 12.01
C ALA A 129 -4.80 3.79 11.07
N GLY A 130 -3.87 4.75 11.12
CA GLY A 130 -3.91 5.88 10.22
C GLY A 130 -3.89 5.41 8.77
N LEU A 131 -3.08 4.37 8.54
CA LEU A 131 -2.95 3.74 7.22
C LEU A 131 -4.25 3.09 6.72
N GLY A 132 -4.82 2.19 7.51
CA GLY A 132 -6.10 1.60 7.19
C GLY A 132 -7.17 2.68 7.05
N CYS A 133 -7.08 3.69 7.91
CA CYS A 133 -8.05 4.77 7.88
C CYS A 133 -7.94 5.58 6.59
N LEU A 134 -6.71 5.99 6.27
CA LEU A 134 -6.47 6.75 5.04
C LEU A 134 -6.82 5.95 3.77
N GLU A 135 -6.46 4.67 3.75
CA GLU A 135 -6.79 3.81 2.62
C GLU A 135 -8.28 3.80 2.39
N THR A 136 -9.03 3.44 3.42
CA THR A 136 -10.47 3.31 3.31
C THR A 136 -11.13 4.67 2.99
N ALA A 137 -10.48 5.76 3.41
CA ALA A 137 -11.01 7.12 3.21
C ALA A 137 -10.71 7.73 1.83
N ALA A 138 -9.43 7.79 1.50
CA ALA A 138 -8.95 8.55 0.34
C ALA A 138 -9.35 7.97 -1.01
N ASN A 139 -9.38 6.64 -1.11
CA ASN A 139 -9.70 5.99 -2.37
C ASN A 139 -11.11 6.30 -2.88
N PRO A 140 -12.16 5.93 -2.11
CA PRO A 140 -13.51 6.18 -2.63
C PRO A 140 -13.76 7.66 -2.81
N PHE A 141 -13.11 8.48 -1.99
CA PHE A 141 -13.31 9.92 -1.99
C PHE A 141 -12.96 10.52 -3.35
N VAL A 142 -11.78 10.18 -3.86
CA VAL A 142 -11.30 10.71 -5.12
C VAL A 142 -12.16 10.28 -6.30
N THR A 143 -12.58 9.02 -6.29
CA THR A 143 -13.39 8.50 -7.39
C THR A 143 -14.80 9.10 -7.41
N VAL A 144 -15.23 9.58 -6.25
CA VAL A 144 -16.52 10.22 -6.14
C VAL A 144 -16.36 11.72 -6.37
N LEU A 145 -15.13 12.20 -6.23
CA LEU A 145 -14.77 13.60 -6.39
C LEU A 145 -14.93 14.09 -7.84
N GLY A 146 -16.14 13.98 -8.37
CA GLY A 146 -16.42 14.40 -9.72
C GLY A 146 -17.36 13.45 -10.42
N PRO A 147 -17.60 13.67 -11.73
CA PRO A 147 -18.42 12.81 -12.59
C PRO A 147 -18.10 11.31 -12.45
N GLU A 148 -19.10 10.46 -12.69
CA GLU A 148 -19.00 9.04 -12.38
C GLU A 148 -18.01 8.28 -13.28
N SER A 149 -17.90 8.72 -14.51
CA SER A 149 -17.05 8.05 -15.50
C SER A 149 -15.58 8.18 -15.17
N SER A 150 -15.17 9.38 -14.76
CA SER A 150 -13.77 9.69 -14.49
C SER A 150 -13.32 9.25 -13.11
N GLY A 151 -14.19 8.53 -12.40
CA GLY A 151 -13.85 8.06 -11.08
C GLY A 151 -12.56 7.26 -11.14
N HIS A 152 -12.49 6.38 -12.13
CA HIS A 152 -11.36 5.46 -12.30
C HIS A 152 -10.07 6.20 -12.66
N PHE A 153 -10.19 7.14 -13.59
CA PHE A 153 -9.03 7.93 -14.01
C PHE A 153 -8.51 8.81 -12.86
N ARG A 154 -9.43 9.41 -12.12
CA ARG A 154 -9.09 10.23 -10.98
C ARG A 154 -8.23 9.46 -9.98
N LEU A 155 -8.76 8.36 -9.48
CA LEU A 155 -8.05 7.52 -8.52
C LEU A 155 -6.70 7.07 -9.09
N ASN A 156 -6.69 6.65 -10.34
CA ASN A 156 -5.45 6.19 -10.95
C ASN A 156 -4.39 7.29 -10.98
N LEU A 157 -4.79 8.47 -11.44
CA LEU A 157 -3.87 9.60 -11.57
C LEU A 157 -3.32 10.02 -10.22
N ALA A 158 -4.20 10.11 -9.23
CA ALA A 158 -3.79 10.43 -7.88
C ALA A 158 -2.78 9.38 -7.39
N GLN A 159 -3.04 8.14 -7.75
CA GLN A 159 -2.17 7.02 -7.40
C GLN A 159 -0.83 7.11 -8.09
N THR A 160 -0.82 7.75 -9.26
CA THR A 160 0.43 7.99 -9.95
C THR A 160 1.29 8.95 -9.14
N PHE A 161 0.67 10.02 -8.64
CA PHE A 161 1.37 10.97 -7.78
C PHE A 161 1.87 10.29 -6.50
N ASN A 162 1.07 9.37 -5.97
CA ASN A 162 1.52 8.47 -4.92
C ASN A 162 2.82 7.74 -5.31
N SER A 163 2.74 6.96 -6.39
CA SER A 163 3.89 6.24 -6.91
C SER A 163 5.06 7.19 -7.09
N PHE A 164 4.76 8.34 -7.68
CA PHE A 164 5.79 9.32 -7.98
C PHE A 164 6.45 9.84 -6.68
N GLY A 165 5.64 10.12 -5.66
CA GLY A 165 6.16 10.54 -4.37
C GLY A 165 7.06 9.48 -3.77
N ALA A 166 6.68 8.21 -3.93
CA ALA A 166 7.51 7.11 -3.46
C ALA A 166 8.84 7.10 -4.21
N ILE A 167 8.76 7.41 -5.50
CA ILE A 167 9.95 7.48 -6.32
C ILE A 167 10.94 8.46 -5.72
N ILE A 168 10.46 9.68 -5.47
CA ILE A 168 11.30 10.78 -5.00
C ILE A 168 11.99 10.47 -3.68
N ALA A 169 11.21 10.13 -2.66
CA ALA A 169 11.79 9.86 -1.36
C ALA A 169 12.97 8.91 -1.50
N VAL A 170 12.72 7.75 -2.08
CA VAL A 170 13.78 6.78 -2.34
C VAL A 170 14.99 7.42 -3.02
N VAL A 171 14.73 8.28 -3.99
CA VAL A 171 15.80 8.97 -4.70
C VAL A 171 16.46 10.04 -3.84
N PHE A 172 15.94 11.26 -3.94
CA PHE A 172 16.49 12.41 -3.24
C PHE A 172 16.58 12.22 -1.72
N GLY A 173 15.94 11.18 -1.20
CA GLY A 173 15.84 11.02 0.24
C GLY A 173 16.71 9.92 0.82
N GLN A 174 16.62 8.72 0.24
CA GLN A 174 17.32 7.57 0.79
C GLN A 174 18.82 7.81 0.82
N SER A 175 19.36 8.25 -0.30
CA SER A 175 20.77 8.58 -0.38
C SER A 175 21.14 9.71 0.57
N LEU A 176 20.41 10.83 0.48
CA LEU A 176 20.71 12.00 1.29
C LEU A 176 20.21 11.92 2.72
N ILE A 177 20.08 10.70 3.25
CA ILE A 177 19.60 10.51 4.62
C ILE A 177 20.22 9.27 5.29
N LEU A 178 20.58 8.27 4.49
CA LEU A 178 21.24 7.08 5.02
C LEU A 178 22.74 7.27 5.07
N SER A 179 23.20 8.45 4.67
CA SER A 179 24.62 8.80 4.70
C SER A 179 24.95 9.59 5.97
N ASN A 180 24.01 9.59 6.91
CA ASN A 180 24.19 10.27 8.20
C ASN A 180 23.94 9.31 9.36
N VAL A 181 23.36 8.16 9.05
CA VAL A 181 23.12 7.10 10.02
C VAL A 181 24.34 6.20 10.20
N PRO A 182 24.69 5.86 11.45
CA PRO A 182 25.83 4.98 11.73
C PRO A 182 25.71 3.56 11.16
N HIS A 183 26.58 3.24 10.20
CA HIS A 183 26.67 1.89 9.67
C HIS A 183 27.44 1.03 10.66
N GLN A 184 27.02 -0.22 10.82
CA GLN A 184 27.77 -1.14 11.68
C GLN A 184 27.62 -2.61 11.31
N SER A 185 28.74 -3.24 11.01
CA SER A 185 28.79 -4.68 10.82
C SER A 185 28.35 -5.31 12.14
N GLN A 186 27.37 -6.19 12.08
CA GLN A 186 26.85 -6.81 13.28
C GLN A 186 27.97 -7.41 14.12
N ASP A 187 29.08 -7.76 13.47
CA ASP A 187 30.21 -8.33 14.19
C ASP A 187 30.83 -7.32 15.14
N VAL A 188 31.00 -6.09 14.66
CA VAL A 188 31.51 -5.02 15.51
C VAL A 188 30.58 -4.83 16.70
N LEU A 189 29.28 -4.77 16.40
CA LEU A 189 28.26 -4.68 17.44
C LEU A 189 28.39 -5.81 18.45
N ASP A 190 28.66 -7.02 17.95
CA ASP A 190 28.82 -8.17 18.82
C ASP A 190 29.99 -7.94 19.76
N LYS A 191 31.08 -7.39 19.23
CA LYS A 191 32.31 -7.24 19.99
C LYS A 191 32.29 -6.04 20.95
N MET A 192 31.29 -5.16 20.79
CA MET A 192 31.14 -4.01 21.68
C MET A 192 30.88 -4.39 23.13
N SER A 193 31.39 -3.57 24.05
CA SER A 193 30.97 -3.62 25.45
C SER A 193 29.53 -3.09 25.56
N PRO A 194 28.87 -3.36 26.69
CA PRO A 194 27.46 -2.99 26.86
C PRO A 194 27.31 -1.48 26.82
N GLU A 195 28.23 -0.79 27.50
CA GLU A 195 28.30 0.66 27.48
C GLU A 195 28.37 1.15 26.03
N GLN A 196 29.29 0.57 25.27
CA GLN A 196 29.45 0.95 23.87
C GLN A 196 28.14 0.79 23.11
N LEU A 197 27.49 -0.35 23.32
CA LEU A 197 26.26 -0.67 22.61
C LEU A 197 25.18 0.37 22.89
N SER A 198 25.05 0.74 24.16
CA SER A 198 24.05 1.73 24.55
C SER A 198 24.35 3.04 23.83
N ALA A 199 25.62 3.43 23.85
CA ALA A 199 26.09 4.62 23.14
C ALA A 199 25.72 4.58 21.66
N TYR A 200 26.02 3.46 21.02
CA TYR A 200 25.76 3.30 19.59
C TYR A 200 24.28 3.47 19.33
N LYS A 201 23.47 2.69 20.02
CA LYS A 201 22.04 2.65 19.76
C LYS A 201 21.49 4.06 19.81
N HIS A 202 21.99 4.84 20.76
CA HIS A 202 21.46 6.16 20.97
C HIS A 202 21.86 7.13 19.87
N SER A 203 23.15 7.12 19.52
CA SER A 203 23.63 7.96 18.43
C SER A 203 22.82 7.65 17.19
N LEU A 204 22.38 6.41 17.10
CA LEU A 204 21.58 5.95 15.97
C LEU A 204 20.20 6.59 15.97
N VAL A 205 19.46 6.44 17.07
CA VAL A 205 18.12 7.02 17.18
C VAL A 205 18.19 8.53 17.12
N LEU A 206 19.35 9.09 17.44
CA LEU A 206 19.54 10.53 17.40
C LEU A 206 19.61 11.06 15.97
N SER A 207 20.26 10.30 15.09
CA SER A 207 20.44 10.73 13.70
C SER A 207 19.12 10.74 12.92
N VAL A 208 18.20 9.85 13.31
CA VAL A 208 16.93 9.70 12.60
C VAL A 208 15.84 10.65 13.11
N GLN A 209 15.99 11.11 14.34
CA GLN A 209 14.91 11.87 14.99
C GLN A 209 14.59 13.20 14.32
N THR A 210 15.58 13.83 13.69
CA THR A 210 15.31 15.07 12.95
C THR A 210 14.47 14.88 11.67
N PRO A 211 14.84 13.90 10.81
CA PRO A 211 14.01 13.59 9.64
C PRO A 211 12.59 13.20 10.03
N TYR A 212 12.44 12.57 11.20
CA TYR A 212 11.11 12.26 11.72
C TYR A 212 10.29 13.50 12.05
N MET A 213 10.95 14.54 12.55
CA MET A 213 10.26 15.80 12.78
C MET A 213 9.82 16.38 11.43
N ILE A 214 10.71 16.32 10.43
CA ILE A 214 10.35 16.72 9.07
C ILE A 214 9.11 15.98 8.59
N ILE A 215 9.15 14.65 8.71
CA ILE A 215 8.00 13.82 8.35
C ILE A 215 6.75 14.36 9.03
N VAL A 216 6.68 14.21 10.35
CA VAL A 216 5.50 14.63 11.08
C VAL A 216 5.06 16.02 10.63
N ALA A 217 6.04 16.90 10.45
CA ALA A 217 5.76 18.25 9.96
C ALA A 217 4.98 18.18 8.66
N ILE A 218 5.46 17.36 7.72
CA ILE A 218 4.82 17.17 6.42
C ILE A 218 3.41 16.64 6.57
N VAL A 219 3.28 15.60 7.38
CA VAL A 219 1.99 14.98 7.63
C VAL A 219 1.03 16.02 8.15
N LEU A 220 1.52 16.85 9.07
CA LEU A 220 0.70 17.87 9.68
C LEU A 220 0.20 18.88 8.64
N LEU A 221 1.12 19.50 7.93
CA LEU A 221 0.77 20.48 6.91
C LEU A 221 -0.29 19.95 5.95
N VAL A 222 -0.18 18.67 5.62
CA VAL A 222 -1.14 18.03 4.73
C VAL A 222 -2.52 18.03 5.35
N ALA A 223 -2.58 17.59 6.61
CA ALA A 223 -3.81 17.64 7.40
C ALA A 223 -4.34 19.07 7.41
N LEU A 224 -3.42 20.02 7.56
CA LEU A 224 -3.76 21.42 7.59
C LEU A 224 -4.48 21.83 6.31
N LEU A 225 -3.81 21.58 5.18
CA LEU A 225 -4.33 22.03 3.90
C LEU A 225 -5.74 21.52 3.70
N ILE A 226 -5.98 20.28 4.12
CA ILE A 226 -7.28 19.66 3.95
C ILE A 226 -8.39 20.41 4.70
N MET A 227 -8.08 20.80 5.93
CA MET A 227 -9.04 21.57 6.74
C MET A 227 -9.30 22.91 6.08
N LEU A 228 -8.23 23.49 5.52
CA LEU A 228 -8.34 24.73 4.77
C LEU A 228 -9.16 24.56 3.49
N THR A 229 -9.10 23.35 2.93
CA THR A 229 -9.74 23.08 1.64
C THR A 229 -11.23 22.80 1.76
N LYS A 230 -12.01 23.49 0.94
CA LYS A 230 -13.45 23.30 0.87
C LYS A 230 -13.82 22.50 -0.38
N PHE A 231 -14.44 21.34 -0.17
CA PHE A 231 -14.85 20.46 -1.26
C PHE A 231 -16.35 20.56 -1.50
N PRO A 232 -16.79 20.25 -2.74
CA PRO A 232 -18.23 20.16 -3.03
C PRO A 232 -18.86 18.93 -2.38
N ALA A 233 -20.19 18.91 -2.30
CA ALA A 233 -20.90 17.81 -1.64
C ALA A 233 -20.99 16.58 -2.52
N LEU A 234 -21.35 15.43 -1.92
CA LEU A 234 -21.32 14.15 -2.64
C LEU A 234 -22.45 13.20 -2.21
N GLN A 235 -23.26 12.76 -3.17
CA GLN A 235 -24.30 11.74 -2.91
C GLN A 235 -23.67 10.39 -2.53
N SER A 236 -23.20 10.31 -1.29
CA SER A 236 -22.47 9.15 -0.75
C SER A 236 -21.82 9.60 0.55
N ASP A 237 -21.77 10.92 0.71
CA ASP A 237 -21.39 11.58 1.94
C ASP A 237 -22.66 12.00 2.68
N ASN A 238 -23.74 12.16 1.91
CA ASN A 238 -25.03 12.62 2.42
C ASN A 238 -25.65 11.78 3.53
N HIS A 239 -26.60 12.38 4.25
CA HIS A 239 -27.40 11.68 5.24
C HIS A 239 -28.88 11.98 4.98
N SER A 240 -29.57 11.07 4.30
CA SER A 240 -31.02 11.16 4.14
C SER A 240 -31.65 9.95 4.81
N ASP A 241 -30.80 8.98 5.13
CA ASP A 241 -31.22 7.74 5.78
C ASP A 241 -30.85 7.73 7.27
N ALA A 242 -31.56 6.91 8.03
CA ALA A 242 -31.26 6.73 9.46
C ALA A 242 -31.27 5.26 9.80
N LYS A 243 -32.39 4.60 9.52
CA LYS A 243 -32.50 3.16 9.69
C LYS A 243 -31.79 2.43 8.57
N GLN A 244 -32.22 2.71 7.33
CA GLN A 244 -31.62 2.06 6.17
C GLN A 244 -30.16 2.45 5.97
N GLY A 245 -29.74 3.51 6.64
CA GLY A 245 -28.35 3.93 6.60
C GLY A 245 -27.47 3.05 7.48
N SER A 246 -28.10 2.06 8.11
CA SER A 246 -27.42 1.17 9.04
C SER A 246 -26.33 0.34 8.39
N PHE A 247 -25.48 -0.24 9.23
CA PHE A 247 -24.40 -1.10 8.75
C PHE A 247 -24.94 -2.33 7.99
N SER A 248 -25.74 -3.14 8.65
CA SER A 248 -26.32 -4.34 8.00
C SER A 248 -27.24 -3.98 6.83
N ALA A 249 -27.92 -2.84 6.94
CA ALA A 249 -28.71 -2.33 5.83
C ALA A 249 -27.79 -2.12 4.63
N SER A 250 -26.77 -1.28 4.81
CA SER A 250 -25.74 -1.09 3.79
C SER A 250 -25.20 -2.45 3.37
N LEU A 251 -24.98 -3.31 4.35
CA LEU A 251 -24.40 -4.62 4.12
C LEU A 251 -25.30 -5.58 3.35
N SER A 252 -26.50 -5.83 3.86
CA SER A 252 -27.39 -6.76 3.19
C SER A 252 -27.62 -6.33 1.74
N ARG A 253 -27.56 -5.02 1.50
CA ARG A 253 -27.66 -4.47 0.15
C ARG A 253 -26.45 -4.83 -0.69
N LEU A 254 -25.29 -4.92 -0.03
CA LEU A 254 -24.04 -5.19 -0.74
C LEU A 254 -23.99 -6.57 -1.41
N ALA A 255 -24.62 -7.57 -0.80
CA ALA A 255 -24.74 -8.89 -1.44
C ALA A 255 -25.72 -8.81 -2.60
N ARG A 256 -25.19 -8.87 -3.82
CA ARG A 256 -25.95 -8.48 -5.00
C ARG A 256 -26.36 -7.05 -4.71
N ILE A 257 -25.53 -6.05 -4.99
CA ILE A 257 -24.34 -6.06 -5.87
C ILE A 257 -23.41 -7.28 -6.02
N ARG A 258 -23.15 -7.62 -7.29
CA ARG A 258 -22.18 -8.67 -7.63
C ARG A 258 -20.81 -8.13 -8.04
N HIS A 259 -20.79 -7.04 -8.81
CA HIS A 259 -19.52 -6.49 -9.27
C HIS A 259 -18.66 -6.07 -8.08
N TRP A 260 -19.31 -5.62 -7.02
CA TRP A 260 -18.62 -5.27 -5.78
C TRP A 260 -18.08 -6.52 -5.10
N ARG A 261 -18.95 -7.52 -4.93
CA ARG A 261 -18.56 -8.79 -4.36
C ARG A 261 -17.42 -9.45 -5.16
N TRP A 262 -17.35 -9.13 -6.45
CA TRP A 262 -16.32 -9.66 -7.32
C TRP A 262 -15.01 -8.88 -7.25
N ALA A 263 -15.12 -7.55 -7.22
CA ALA A 263 -13.94 -6.71 -7.05
C ALA A 263 -13.30 -7.00 -5.70
N VAL A 264 -14.11 -7.37 -4.71
CA VAL A 264 -13.58 -7.77 -3.42
C VAL A 264 -12.65 -8.97 -3.58
N LEU A 265 -13.16 -10.00 -4.23
CA LEU A 265 -12.39 -11.19 -4.55
C LEU A 265 -11.18 -10.83 -5.41
N ALA A 266 -11.37 -9.86 -6.30
CA ALA A 266 -10.30 -9.41 -7.20
C ALA A 266 -9.15 -8.73 -6.45
N GLN A 267 -9.48 -7.94 -5.43
CA GLN A 267 -8.48 -7.19 -4.69
C GLN A 267 -7.72 -8.08 -3.72
N PHE A 268 -8.42 -9.03 -3.15
CA PHE A 268 -7.78 -10.05 -2.35
C PHE A 268 -6.66 -10.68 -3.18
N CYS A 269 -7.00 -11.03 -4.42
CA CYS A 269 -6.05 -11.68 -5.32
C CYS A 269 -4.93 -10.76 -5.75
N TYR A 270 -5.28 -9.52 -6.07
CA TYR A 270 -4.26 -8.57 -6.48
C TYR A 270 -3.17 -8.43 -5.41
N VAL A 271 -3.61 -8.25 -4.16
CA VAL A 271 -2.67 -8.01 -3.09
C VAL A 271 -1.84 -9.27 -2.86
N GLY A 272 -2.50 -10.42 -2.96
CA GLY A 272 -1.83 -11.69 -2.81
C GLY A 272 -0.81 -11.80 -3.91
N ALA A 273 -1.26 -11.52 -5.13
CA ALA A 273 -0.39 -11.60 -6.30
C ALA A 273 0.83 -10.69 -6.12
N GLN A 274 0.56 -9.42 -5.86
CA GLN A 274 1.61 -8.42 -5.81
C GLN A 274 2.71 -8.70 -4.78
N THR A 275 2.32 -9.10 -3.58
CA THR A 275 3.30 -9.37 -2.55
C THR A 275 4.02 -10.68 -2.83
N ALA A 276 3.32 -11.64 -3.43
CA ALA A 276 3.94 -12.90 -3.89
C ALA A 276 5.10 -12.61 -4.82
N CYS A 277 4.90 -11.66 -5.71
CA CYS A 277 5.90 -11.32 -6.73
C CYS A 277 7.14 -10.69 -6.12
N TRP A 278 6.93 -9.57 -5.44
CA TRP A 278 7.99 -8.76 -4.87
C TRP A 278 8.69 -9.41 -3.69
N SER A 279 7.92 -10.07 -2.82
CA SER A 279 8.47 -10.68 -1.64
C SER A 279 9.42 -11.81 -2.00
N TYR A 280 9.07 -12.58 -3.03
CA TYR A 280 9.90 -13.72 -3.43
C TYR A 280 10.91 -13.43 -4.55
N LEU A 281 10.73 -12.30 -5.23
CA LEU A 281 11.65 -11.84 -6.27
C LEU A 281 13.16 -12.04 -6.01
N ILE A 282 13.68 -11.52 -4.91
CA ILE A 282 15.13 -11.65 -4.70
C ILE A 282 15.56 -13.09 -4.45
N ARG A 283 14.72 -13.87 -3.77
CA ARG A 283 15.00 -15.29 -3.58
C ARG A 283 15.06 -15.97 -4.94
N TYR A 284 14.09 -15.67 -5.80
CA TYR A 284 14.03 -16.15 -7.17
C TYR A 284 15.35 -15.86 -7.88
N ALA A 285 15.76 -14.59 -7.84
CA ALA A 285 16.99 -14.13 -8.49
C ALA A 285 18.22 -14.92 -8.06
N VAL A 286 18.38 -15.05 -6.75
CA VAL A 286 19.57 -15.70 -6.22
C VAL A 286 19.59 -17.18 -6.53
N GLU A 287 18.43 -17.83 -6.47
CA GLU A 287 18.38 -19.28 -6.69
C GLU A 287 18.38 -19.64 -8.17
N GLU A 288 18.21 -18.63 -9.03
CA GLU A 288 17.97 -18.85 -10.46
C GLU A 288 19.12 -18.40 -11.37
N ILE A 289 19.97 -17.51 -10.87
CA ILE A 289 21.00 -16.89 -11.69
C ILE A 289 22.37 -16.90 -11.03
N PRO A 290 23.29 -17.72 -11.54
CA PRO A 290 24.65 -17.81 -11.00
C PRO A 290 25.56 -16.77 -11.64
N GLY A 291 26.27 -15.96 -10.85
CA GLY A 291 26.17 -15.98 -9.40
C GLY A 291 25.65 -14.66 -8.85
N MET A 292 24.36 -14.66 -8.52
CA MET A 292 23.73 -13.50 -7.91
C MET A 292 24.08 -13.36 -6.44
N THR A 293 24.46 -12.15 -6.05
CA THR A 293 24.46 -11.78 -4.65
C THR A 293 23.07 -11.25 -4.41
N ALA A 294 22.55 -11.43 -3.19
CA ALA A 294 21.27 -10.82 -2.82
C ALA A 294 21.44 -9.30 -2.88
N GLY A 295 22.67 -8.85 -2.66
CA GLY A 295 22.98 -7.44 -2.81
C GLY A 295 22.58 -6.97 -4.19
N PHE A 296 23.07 -7.67 -5.21
CA PHE A 296 22.84 -7.27 -6.60
C PHE A 296 21.37 -7.46 -7.00
N ALA A 297 20.79 -8.56 -6.53
CA ALA A 297 19.41 -8.87 -6.83
C ALA A 297 18.49 -7.70 -6.52
N ALA A 298 18.84 -6.96 -5.47
CA ALA A 298 18.07 -5.79 -5.05
C ALA A 298 17.90 -4.79 -6.20
N ASN A 299 18.88 -4.76 -7.09
CA ASN A 299 18.83 -3.91 -8.28
C ASN A 299 17.61 -4.19 -9.14
N TYR A 300 17.33 -5.47 -9.32
CA TYR A 300 16.14 -5.91 -10.03
C TYR A 300 14.89 -5.47 -9.31
N LEU A 301 14.93 -5.58 -7.98
CA LEU A 301 13.81 -5.16 -7.14
C LEU A 301 13.52 -3.67 -7.34
N THR A 302 14.58 -2.87 -7.45
CA THR A 302 14.45 -1.46 -7.78
C THR A 302 13.75 -1.26 -9.12
N GLY A 303 14.31 -1.88 -10.17
CA GLY A 303 13.72 -1.82 -11.51
C GLY A 303 12.22 -2.06 -11.51
N THR A 304 11.79 -3.01 -10.68
CA THR A 304 10.37 -3.33 -10.49
C THR A 304 9.54 -2.10 -10.09
N MET A 305 10.01 -1.33 -9.11
CA MET A 305 9.28 -0.16 -8.68
C MET A 305 9.25 0.87 -9.80
N VAL A 306 10.33 0.94 -10.58
CA VAL A 306 10.36 1.86 -11.71
C VAL A 306 9.36 1.43 -12.79
N CYS A 307 9.27 0.13 -13.04
CA CYS A 307 8.29 -0.42 -13.96
C CYS A 307 6.90 -0.06 -13.47
N PHE A 308 6.72 -0.19 -12.16
CA PHE A 308 5.44 0.07 -11.51
C PHE A 308 4.99 1.53 -11.70
N PHE A 309 5.89 2.47 -11.43
CA PHE A 309 5.57 3.87 -11.68
C PHE A 309 5.31 4.15 -13.16
N ILE A 310 6.27 3.82 -14.00
CA ILE A 310 6.10 3.90 -15.45
C ILE A 310 4.81 3.22 -15.87
N GLY A 311 4.60 2.00 -15.36
CA GLY A 311 3.42 1.22 -15.67
C GLY A 311 2.16 2.01 -15.40
N ARG A 312 2.10 2.65 -14.24
CA ARG A 312 0.94 3.43 -13.84
C ARG A 312 0.73 4.67 -14.69
N PHE A 313 1.80 5.40 -14.95
CA PHE A 313 1.69 6.62 -15.75
C PHE A 313 0.99 6.32 -17.06
N THR A 314 1.55 5.35 -17.78
CA THR A 314 1.06 4.91 -19.09
C THR A 314 -0.36 4.36 -19.00
N GLY A 315 -0.59 3.47 -18.05
CA GLY A 315 -1.89 2.88 -17.82
C GLY A 315 -2.96 3.93 -17.58
N THR A 316 -2.60 4.99 -16.85
CA THR A 316 -3.54 6.07 -16.58
C THR A 316 -3.82 6.84 -17.86
N TRP A 317 -2.79 7.03 -18.67
CA TRP A 317 -3.00 7.65 -19.96
C TRP A 317 -3.96 6.77 -20.77
N LEU A 318 -3.87 5.47 -20.56
CA LEU A 318 -4.78 4.50 -21.18
C LEU A 318 -6.20 4.59 -20.62
N ILE A 319 -6.29 4.61 -19.29
CA ILE A 319 -7.57 4.70 -18.59
C ILE A 319 -8.38 5.92 -19.03
N SER A 320 -7.70 6.95 -19.51
CA SER A 320 -8.37 8.14 -20.01
C SER A 320 -8.92 7.91 -21.41
N ARG A 321 -8.16 7.17 -22.21
CA ARG A 321 -8.55 6.88 -23.59
C ARG A 321 -9.61 5.77 -23.65
N PHE A 322 -9.64 4.92 -22.64
CA PHE A 322 -10.28 3.62 -22.80
C PHE A 322 -11.09 3.14 -21.60
N ALA A 323 -12.06 2.26 -21.88
CA ALA A 323 -12.82 1.58 -20.84
C ALA A 323 -11.83 0.95 -19.89
N PRO A 324 -11.94 1.35 -18.61
CA PRO A 324 -11.00 0.95 -17.58
C PRO A 324 -10.93 -0.57 -17.51
N HIS A 325 -12.08 -1.23 -17.43
CA HIS A 325 -12.13 -2.67 -17.27
C HIS A 325 -11.35 -3.37 -18.38
N LYS A 326 -11.45 -2.84 -19.60
CA LYS A 326 -10.71 -3.36 -20.73
C LYS A 326 -9.20 -3.22 -20.51
N VAL A 327 -8.79 -2.06 -19.99
CA VAL A 327 -7.39 -1.87 -19.63
C VAL A 327 -7.03 -2.78 -18.46
N LEU A 328 -7.95 -2.91 -17.51
CA LEU A 328 -7.71 -3.76 -16.37
C LEU A 328 -7.55 -5.20 -16.85
N ALA A 329 -8.50 -5.65 -17.67
CA ALA A 329 -8.47 -6.99 -18.25
C ALA A 329 -7.19 -7.22 -19.05
N ALA A 330 -6.86 -6.27 -19.94
CA ALA A 330 -5.64 -6.34 -20.71
C ALA A 330 -4.41 -6.55 -19.82
N TYR A 331 -4.31 -5.71 -18.78
CA TYR A 331 -3.16 -5.68 -17.88
C TYR A 331 -3.09 -6.94 -17.04
N ALA A 332 -4.26 -7.43 -16.64
CA ALA A 332 -4.33 -8.63 -15.83
C ALA A 332 -3.76 -9.80 -16.62
N LEU A 333 -4.19 -9.91 -17.88
CA LEU A 333 -3.73 -10.97 -18.78
C LEU A 333 -2.22 -10.92 -19.01
N ILE A 334 -1.73 -9.73 -19.34
CA ILE A 334 -0.31 -9.54 -19.59
C ILE A 334 0.54 -9.93 -18.37
N ALA A 335 0.11 -9.47 -17.20
CA ALA A 335 0.81 -9.79 -15.97
C ALA A 335 0.81 -11.31 -15.72
N MET A 336 -0.37 -11.93 -15.85
CA MET A 336 -0.48 -13.38 -15.72
C MET A 336 0.45 -14.08 -16.71
N ALA A 337 0.47 -13.57 -17.94
CA ALA A 337 1.42 -14.04 -18.93
C ALA A 337 2.84 -13.97 -18.35
N LEU A 338 3.31 -12.75 -18.13
CA LEU A 338 4.61 -12.52 -17.53
C LEU A 338 4.92 -13.55 -16.44
N CYS A 339 3.92 -13.86 -15.62
CA CYS A 339 4.13 -14.81 -14.53
C CYS A 339 4.29 -16.25 -14.99
N LEU A 340 3.46 -16.67 -15.93
CA LEU A 340 3.65 -17.98 -16.53
C LEU A 340 5.05 -18.04 -17.16
N ILE A 341 5.42 -16.98 -17.85
CA ILE A 341 6.74 -16.92 -18.44
C ILE A 341 7.79 -17.06 -17.35
N SER A 342 7.58 -16.34 -16.26
CA SER A 342 8.47 -16.38 -15.10
C SER A 342 8.57 -17.79 -14.50
N ALA A 343 7.42 -18.44 -14.36
CA ALA A 343 7.36 -19.77 -13.76
C ALA A 343 8.07 -20.80 -14.62
N PHE A 344 7.87 -20.73 -15.94
CA PHE A 344 8.35 -21.78 -16.84
C PHE A 344 9.73 -21.51 -17.40
N ALA A 345 10.05 -20.23 -17.58
CA ALA A 345 11.42 -19.84 -17.87
C ALA A 345 12.24 -19.92 -16.58
N GLY A 346 13.50 -19.54 -16.65
CA GLY A 346 14.33 -19.45 -15.46
C GLY A 346 15.32 -18.35 -15.70
N GLY A 347 16.59 -18.61 -15.43
CA GLY A 347 17.67 -17.70 -15.76
C GLY A 347 17.18 -16.25 -15.82
N HIS A 348 17.79 -15.47 -16.70
CA HIS A 348 17.43 -14.07 -16.77
C HIS A 348 16.06 -13.85 -17.41
N VAL A 349 15.65 -14.81 -18.22
CA VAL A 349 14.43 -14.65 -19.00
C VAL A 349 13.23 -14.59 -18.05
N GLY A 350 13.17 -15.52 -17.11
CA GLY A 350 12.12 -15.53 -16.11
C GLY A 350 12.22 -14.35 -15.17
N LEU A 351 13.45 -13.94 -14.86
CA LEU A 351 13.67 -12.82 -13.94
C LEU A 351 13.07 -11.53 -14.48
N ILE A 352 13.61 -11.06 -15.60
CA ILE A 352 13.05 -9.90 -16.31
C ILE A 352 11.52 -9.97 -16.45
N ALA A 353 10.99 -11.12 -16.86
CA ALA A 353 9.54 -11.29 -16.95
C ALA A 353 8.86 -10.95 -15.63
N LEU A 354 9.35 -11.55 -14.54
CA LEU A 354 8.86 -11.21 -13.21
C LEU A 354 9.01 -9.73 -12.91
N THR A 355 10.21 -9.18 -13.09
CA THR A 355 10.45 -7.81 -12.65
C THR A 355 9.67 -6.80 -13.50
N LEU A 356 9.39 -7.21 -14.74
CA LEU A 356 8.61 -6.42 -15.68
C LEU A 356 7.12 -6.56 -15.42
N CYS A 357 6.74 -7.55 -14.63
CA CYS A 357 5.35 -7.80 -14.34
C CYS A 357 4.69 -6.63 -13.64
N SER A 358 5.46 -5.97 -12.78
CA SER A 358 4.94 -4.88 -11.97
C SER A 358 4.45 -3.74 -12.84
N ALA A 359 5.08 -3.58 -14.00
CA ALA A 359 4.63 -2.57 -14.96
C ALA A 359 3.15 -2.77 -15.31
N PHE A 360 2.62 -3.96 -15.05
CA PHE A 360 1.24 -4.29 -15.41
C PHE A 360 0.34 -4.49 -14.20
N MET A 361 0.95 -4.73 -13.04
CA MET A 361 0.23 -4.69 -11.78
C MET A 361 -0.29 -3.28 -11.59
N SER A 362 0.58 -2.32 -11.90
CA SER A 362 0.32 -0.89 -11.71
C SER A 362 -1.15 -0.54 -11.55
N ILE A 363 -1.77 -0.21 -12.69
CA ILE A 363 -3.17 0.20 -12.80
C ILE A 363 -4.19 -0.66 -12.03
N GLN A 364 -3.78 -1.86 -11.62
CA GLN A 364 -4.73 -2.86 -11.13
C GLN A 364 -5.47 -2.51 -9.85
N TYR A 365 -4.74 -2.12 -8.81
CA TYR A 365 -5.35 -1.81 -7.51
C TYR A 365 -6.36 -0.65 -7.59
N PRO A 366 -5.93 0.50 -8.14
CA PRO A 366 -6.85 1.63 -8.29
C PRO A 366 -8.06 1.24 -9.15
N THR A 367 -7.81 0.60 -10.29
CA THR A 367 -8.87 0.27 -11.22
C THR A 367 -9.84 -0.74 -10.61
N ILE A 368 -9.31 -1.70 -9.87
CA ILE A 368 -10.16 -2.68 -9.22
C ILE A 368 -11.06 -1.98 -8.21
N PHE A 369 -10.43 -1.14 -7.40
CA PHE A 369 -11.13 -0.40 -6.37
C PHE A 369 -12.27 0.45 -6.97
N SER A 370 -11.99 1.21 -8.02
CA SER A 370 -13.00 2.07 -8.61
C SER A 370 -14.12 1.29 -9.29
N LEU A 371 -13.76 0.29 -10.08
CA LEU A 371 -14.77 -0.54 -10.71
C LEU A 371 -15.62 -1.15 -9.59
N GLY A 372 -14.95 -1.54 -8.52
CA GLY A 372 -15.61 -2.17 -7.40
C GLY A 372 -16.70 -1.34 -6.77
N ILE A 373 -16.41 -0.08 -6.48
CA ILE A 373 -17.40 0.78 -5.86
C ILE A 373 -18.31 1.37 -6.92
N LYS A 374 -17.73 2.18 -7.80
CA LYS A 374 -18.47 2.85 -8.85
C LYS A 374 -19.50 1.90 -9.47
N ASN A 375 -20.76 2.04 -9.08
CA ASN A 375 -21.19 3.09 -8.16
C ASN A 375 -22.15 2.59 -7.07
N LEU A 376 -21.83 2.93 -5.83
CA LEU A 376 -22.54 2.39 -4.68
C LEU A 376 -23.33 3.43 -3.89
N GLY A 377 -23.11 4.71 -4.18
CA GLY A 377 -23.74 5.79 -3.43
C GLY A 377 -23.53 5.67 -1.93
N GLN A 378 -24.63 5.58 -1.19
CA GLN A 378 -24.59 5.48 0.27
C GLN A 378 -23.61 4.40 0.73
N ASP A 379 -23.67 3.27 0.04
CA ASP A 379 -22.87 2.10 0.38
C ASP A 379 -21.43 2.20 -0.12
N THR A 380 -21.08 3.32 -0.76
CA THR A 380 -19.70 3.53 -1.20
C THR A 380 -18.75 3.36 -0.03
N LYS A 381 -19.07 4.05 1.07
CA LYS A 381 -18.23 4.05 2.27
C LYS A 381 -18.01 2.66 2.84
N TYR A 382 -19.11 1.96 3.08
CA TYR A 382 -19.04 0.65 3.70
C TYR A 382 -18.45 -0.41 2.76
N GLY A 383 -18.71 -0.25 1.46
CA GLY A 383 -18.12 -1.11 0.47
C GLY A 383 -16.59 -1.00 0.48
N SER A 384 -16.11 0.23 0.61
CA SER A 384 -14.68 0.47 0.65
C SER A 384 -14.00 -0.21 1.85
N SER A 385 -14.69 -0.20 2.99
CA SER A 385 -14.13 -0.76 4.21
C SER A 385 -13.69 -2.19 3.95
N PHE A 386 -14.46 -2.89 3.13
CA PHE A 386 -14.21 -4.30 2.84
C PHE A 386 -13.11 -4.51 1.83
N ILE A 387 -13.16 -3.74 0.74
CA ILE A 387 -12.11 -3.79 -0.27
C ILE A 387 -10.73 -3.64 0.39
N VAL A 388 -10.66 -2.75 1.37
CA VAL A 388 -9.43 -2.50 2.10
C VAL A 388 -8.97 -3.73 2.90
N MET A 389 -9.92 -4.43 3.51
CA MET A 389 -9.58 -5.53 4.38
C MET A 389 -8.88 -6.64 3.62
N THR A 390 -9.23 -6.76 2.34
CA THR A 390 -8.68 -7.81 1.48
C THR A 390 -7.16 -7.71 1.37
N ILE A 391 -6.61 -6.63 1.90
CA ILE A 391 -5.16 -6.46 1.97
C ILE A 391 -4.59 -7.55 2.87
N ILE A 392 -5.48 -8.18 3.63
CA ILE A 392 -5.09 -9.32 4.46
C ILE A 392 -4.55 -10.44 3.58
N GLY A 393 -4.93 -10.41 2.29
CA GLY A 393 -4.48 -11.36 1.29
C GLY A 393 -2.98 -11.29 1.09
N GLY A 394 -2.44 -10.08 1.19
CA GLY A 394 -1.00 -9.90 1.13
C GLY A 394 -0.32 -10.79 2.15
N GLY A 395 -0.99 -11.00 3.28
CA GLY A 395 -0.45 -11.82 4.35
C GLY A 395 -0.66 -13.30 4.15
N ILE A 396 -1.86 -13.66 3.69
CA ILE A 396 -2.24 -15.05 3.50
C ILE A 396 -1.48 -15.79 2.38
N VAL A 397 -0.93 -15.04 1.43
CA VAL A 397 -0.25 -15.63 0.28
C VAL A 397 1.11 -16.26 0.63
N THR A 398 1.85 -15.59 1.51
CA THR A 398 3.24 -15.97 1.83
C THR A 398 3.40 -17.42 2.28
N PRO A 399 2.51 -17.88 3.17
CA PRO A 399 2.63 -19.29 3.56
C PRO A 399 2.50 -20.18 2.33
N VAL A 400 1.55 -19.83 1.47
CA VAL A 400 1.25 -20.58 0.25
C VAL A 400 2.44 -20.53 -0.72
N MET A 401 3.06 -19.35 -0.81
CA MET A 401 4.25 -19.18 -1.62
C MET A 401 5.37 -20.06 -1.08
N GLY A 402 5.59 -19.97 0.23
CA GLY A 402 6.56 -20.82 0.89
C GLY A 402 6.19 -22.29 0.75
N PHE A 403 4.92 -22.61 1.00
CA PHE A 403 4.47 -23.99 0.90
C PHE A 403 4.72 -24.57 -0.49
N VAL A 404 4.13 -23.94 -1.51
CA VAL A 404 4.26 -24.40 -2.88
C VAL A 404 5.73 -24.40 -3.32
N SER A 405 6.43 -23.33 -2.96
CA SER A 405 7.84 -23.20 -3.27
C SER A 405 8.64 -24.40 -2.79
N ASP A 406 8.53 -24.69 -1.50
CA ASP A 406 9.30 -25.77 -0.88
C ASP A 406 8.83 -27.13 -1.34
N ALA A 407 7.52 -27.24 -1.58
CA ALA A 407 6.92 -28.48 -2.03
C ALA A 407 7.39 -28.84 -3.45
N ALA A 408 7.92 -27.85 -4.15
CA ALA A 408 8.29 -27.97 -5.55
C ALA A 408 9.80 -28.02 -5.77
N GLY A 409 10.55 -27.44 -4.83
CA GLY A 409 12.00 -27.46 -4.90
C GLY A 409 12.61 -26.21 -5.52
N ASN A 410 11.74 -25.29 -5.95
CA ASN A 410 12.18 -24.06 -6.60
C ASN A 410 11.16 -22.94 -6.53
N ILE A 411 11.64 -21.71 -6.68
CA ILE A 411 10.82 -20.50 -6.54
C ILE A 411 9.86 -20.26 -7.71
N PRO A 412 10.34 -20.51 -8.95
CA PRO A 412 9.56 -20.19 -10.15
C PRO A 412 8.20 -20.90 -10.23
N THR A 413 8.13 -22.17 -9.88
CA THR A 413 6.85 -22.87 -9.96
C THR A 413 5.81 -22.21 -9.05
N ALA A 414 6.29 -21.58 -7.98
CA ALA A 414 5.42 -20.83 -7.09
C ALA A 414 4.84 -19.61 -7.82
N GLU A 415 5.62 -19.04 -8.74
CA GLU A 415 5.18 -17.88 -9.51
C GLU A 415 3.89 -18.16 -10.27
N LEU A 416 3.49 -19.43 -10.33
CA LEU A 416 2.20 -19.80 -10.89
C LEU A 416 1.07 -19.25 -10.04
N ILE A 417 1.33 -19.10 -8.75
CA ILE A 417 0.33 -18.58 -7.81
C ILE A 417 -0.10 -17.14 -8.11
N PRO A 418 0.86 -16.21 -8.24
CA PRO A 418 0.48 -14.85 -8.67
C PRO A 418 -0.33 -14.92 -9.97
N ALA A 419 0.23 -15.58 -10.97
CA ALA A 419 -0.44 -15.85 -12.24
C ALA A 419 -1.88 -16.29 -12.01
N LEU A 420 -2.08 -17.21 -11.06
CA LEU A 420 -3.40 -17.70 -10.72
C LEU A 420 -4.28 -16.55 -10.22
N CYS A 421 -3.65 -15.61 -9.53
CA CYS A 421 -4.36 -14.45 -9.07
C CYS A 421 -4.77 -13.60 -10.26
N PHE A 422 -3.77 -13.17 -11.05
CA PHE A 422 -4.03 -12.27 -12.17
C PHE A 422 -5.12 -12.80 -13.07
N ALA A 423 -5.16 -14.12 -13.22
CA ALA A 423 -6.18 -14.79 -13.99
C ALA A 423 -7.55 -14.36 -13.47
N VAL A 424 -7.83 -14.71 -12.23
CA VAL A 424 -9.07 -14.36 -11.54
C VAL A 424 -9.43 -12.90 -11.78
N ILE A 425 -8.45 -12.03 -11.56
CA ILE A 425 -8.65 -10.59 -11.71
C ILE A 425 -9.18 -10.24 -13.10
N PHE A 426 -8.62 -10.87 -14.13
CA PHE A 426 -9.08 -10.68 -15.50
C PHE A 426 -10.56 -11.09 -15.67
N ILE A 427 -10.94 -12.20 -15.03
CA ILE A 427 -12.33 -12.62 -15.06
C ILE A 427 -13.17 -11.49 -14.51
N PHE A 428 -12.76 -10.94 -13.37
CA PHE A 428 -13.50 -9.81 -12.82
C PHE A 428 -13.59 -8.69 -13.86
N ALA A 429 -12.44 -8.25 -14.38
CA ALA A 429 -12.45 -7.24 -15.43
C ALA A 429 -13.55 -7.48 -16.50
N ARG A 430 -13.63 -8.69 -17.05
CA ARG A 430 -14.77 -9.09 -17.88
C ARG A 430 -15.96 -9.62 -17.02
N PHE A 431 -16.30 -8.89 -15.96
CA PHE A 431 -17.32 -9.27 -14.95
C PHE A 431 -17.42 -8.14 -13.89
N ARG A 432 -17.00 -6.95 -14.33
CA ARG A 432 -17.06 -5.74 -13.54
C ARG A 432 -18.41 -5.04 -13.74
N SER A 433 -19.21 -5.60 -14.63
CA SER A 433 -20.41 -4.95 -15.14
C SER A 433 -21.49 -4.77 -14.07
N GLN A 434 -22.48 -3.91 -14.36
CA GLN A 434 -23.54 -3.57 -13.40
C GLN A 434 -24.91 -3.34 -14.06
N THR A 435 -25.86 -2.83 -13.28
CA THR A 435 -27.24 -2.61 -13.73
C THR A 435 -27.81 -3.75 -14.58
#